data_1GZD
#
_entry.id   1GZD
#
_cell.length_a   95.200
_cell.length_b   95.200
_cell.length_c   138.300
_cell.angle_alpha   90.00
_cell.angle_beta   90.00
_cell.angle_gamma   90.00
#
_symmetry.space_group_name_H-M   'P 43 21 2'
#
loop_
_entity.id
_entity.type
_entity.pdbx_description
1 polymer 'GLUCOSE-6-PHOSPHATE ISOMERASE'
2 non-polymer 'SULFATE ION'
3 water water
#
_entity_poly.entity_id   1
_entity_poly.type   'polypeptide(L)'
_entity_poly.pdbx_seq_one_letter_code
;AALTQNPQFKKLQTWYHEHRSDLNLRRLFEGDKDRFNHFSLNLNTNHGRILLDYSKNLVTEAVMQMLVDLAKSRGVEAAR
ERMFNGEKINFTEDRAVLHVALRNRSNTPILVDGKDVMPEVNRVLEKMKSFCKRVRSGEWKGYSGKSITDVINIGIGGSD
LGPLMVTEALKPYSAEGPRVWFVSNIDGTHIAKTLATLNPESSLFIIASKTFTTQETITNAETAKEWFLQSAKDPSAVAK
HFVALSTNTTKVKEFGIDPQNMFEFWDWVGGRYSLWSAIGLSIALHVGFDNFEQLLSGAHWMDQHFRTTPLEKNAPVLLA
LLGIWYINFFGCETHAMLPYDQYLHRFAAYFQQGDMESNGKYITKSGTRVDHQTGPIVWGEPGTNGQHAFYQLIHQGTKM
IPCDFLIPVQTQHPIRKGLHHKILLANFLAQTEALMKGKSTEEARKELQAAGKSPEDFEKLLPHKVFEGNRPTNSIVFTK
LTPFILGALIAMYEHKIFVQGVIWDINSFDQWGVELGKQLAKKIEPELDGSSPVTSHDSSTNGLINFIKQEREARSQ
;
_entity_poly.pdbx_strand_id   A
#
loop_
_chem_comp.id
_chem_comp.type
_chem_comp.name
_chem_comp.formula
SO4 non-polymer 'SULFATE ION' 'O4 S -2'
#
# COMPACT_ATOMS: atom_id res chain seq x y z
N ALA A 1 19.16 21.96 -2.81
CA ALA A 1 20.26 20.97 -2.55
C ALA A 1 20.13 20.16 -1.23
N ALA A 2 19.35 20.69 -0.29
CA ALA A 2 19.02 19.98 0.96
C ALA A 2 19.70 18.64 1.16
N LEU A 3 19.15 17.56 0.57
CA LEU A 3 19.77 16.25 0.79
C LEU A 3 21.23 16.26 0.43
N THR A 4 21.52 16.63 -0.82
CA THR A 4 22.88 16.55 -1.28
C THR A 4 23.81 17.55 -0.64
N GLN A 5 23.27 18.43 0.19
CA GLN A 5 24.07 19.46 0.85
C GLN A 5 24.37 19.04 2.27
N ASN A 6 23.82 17.91 2.66
CA ASN A 6 23.97 17.41 4.00
C ASN A 6 25.33 16.76 4.26
N PRO A 7 25.97 17.21 5.32
CA PRO A 7 27.27 16.70 5.71
C PRO A 7 27.20 15.22 5.98
N GLN A 8 26.16 14.72 6.60
CA GLN A 8 26.24 13.27 6.75
C GLN A 8 25.93 12.64 5.41
N PHE A 9 25.11 13.27 4.60
CA PHE A 9 24.86 12.70 3.29
C PHE A 9 26.18 12.65 2.55
N LYS A 10 26.94 13.74 2.57
CA LYS A 10 28.16 13.78 1.76
C LYS A 10 29.18 12.78 2.26
N LYS A 11 29.12 12.46 3.54
CA LYS A 11 30.08 11.56 4.15
C LYS A 11 29.81 10.14 3.66
N LEU A 12 28.53 9.81 3.55
CA LEU A 12 28.08 8.57 2.96
C LEU A 12 28.51 8.41 1.51
N GLN A 13 28.40 9.48 0.72
CA GLN A 13 28.84 9.35 -0.67
C GLN A 13 30.28 8.92 -0.73
N THR A 14 31.15 9.59 0.00
CA THR A 14 32.55 9.22 -0.04
C THR A 14 32.80 7.79 0.45
N TRP A 15 32.18 7.39 1.54
CA TRP A 15 32.41 6.02 1.99
C TRP A 15 31.93 5.02 0.93
N TYR A 16 30.74 5.27 0.44
CA TYR A 16 30.21 4.44 -0.61
C TYR A 16 31.19 4.36 -1.79
N HIS A 17 31.57 5.51 -2.33
CA HIS A 17 32.46 5.55 -3.46
C HIS A 17 33.76 4.81 -3.13
N GLU A 18 34.05 4.67 -1.84
CA GLU A 18 35.30 4.07 -1.39
C GLU A 18 35.26 2.61 -0.99
N HIS A 19 34.11 2.13 -0.54
CA HIS A 19 34.05 0.76 -0.05
C HIS A 19 33.15 -0.14 -0.81
N ARG A 20 32.48 0.37 -1.83
CA ARG A 20 31.58 -0.45 -2.59
C ARG A 20 32.03 -1.92 -2.74
N SER A 21 33.30 -2.14 -3.14
CA SER A 21 33.85 -3.49 -3.31
C SER A 21 33.80 -4.30 -2.01
N ASP A 22 34.04 -3.62 -0.90
CA ASP A 22 33.90 -4.29 0.40
C ASP A 22 32.48 -4.84 0.71
N LEU A 23 31.46 -4.46 -0.06
CA LEU A 23 30.06 -4.87 0.19
C LEU A 23 29.62 -6.20 -0.43
N ASN A 24 30.27 -7.29 -0.06
CA ASN A 24 29.86 -8.60 -0.54
C ASN A 24 29.21 -9.44 0.56
N LEU A 25 27.95 -9.82 0.34
CA LEU A 25 27.14 -10.48 1.36
C LEU A 25 27.74 -11.75 1.86
N ARG A 26 28.26 -12.53 0.93
CA ARG A 26 28.77 -13.85 1.21
C ARG A 26 29.89 -13.69 2.23
N ARG A 27 30.72 -12.69 1.97
CA ARG A 27 31.90 -12.45 2.76
C ARG A 27 31.52 -11.78 4.08
N LEU A 28 30.55 -10.89 3.99
CA LEU A 28 30.05 -10.24 5.17
C LEU A 28 29.52 -11.25 6.14
N PHE A 29 28.94 -12.36 5.65
CA PHE A 29 28.49 -13.43 6.56
C PHE A 29 29.63 -14.28 7.16
N GLU A 30 30.82 -14.30 6.51
CA GLU A 30 31.95 -15.03 7.12
C GLU A 30 32.46 -14.17 8.28
N GLY A 31 32.80 -12.92 7.99
CA GLY A 31 33.27 -11.97 8.98
C GLY A 31 32.49 -11.96 10.30
N ASP A 32 31.22 -11.53 10.28
CA ASP A 32 30.39 -11.50 11.48
C ASP A 32 29.54 -12.77 11.63
N LYS A 33 29.88 -13.57 12.63
CA LYS A 33 29.20 -14.84 12.90
C LYS A 33 27.78 -14.64 13.45
N ASP A 34 27.50 -13.47 13.98
CA ASP A 34 26.13 -13.24 14.40
C ASP A 34 25.62 -11.97 13.76
N ARG A 35 25.88 -11.87 12.46
CA ARG A 35 25.43 -10.76 11.64
C ARG A 35 23.95 -10.73 11.80
N PHE A 36 23.35 -11.91 11.72
CA PHE A 36 21.93 -12.03 11.91
C PHE A 36 21.45 -11.30 13.15
N ASN A 37 22.06 -11.63 14.27
CA ASN A 37 21.66 -10.99 15.52
C ASN A 37 21.82 -9.48 15.58
N HIS A 38 22.73 -8.92 14.80
CA HIS A 38 22.97 -7.48 14.85
C HIS A 38 22.16 -6.75 13.85
N PHE A 39 21.66 -7.47 12.86
CA PHE A 39 20.88 -6.83 11.85
C PHE A 39 19.49 -7.46 11.77
N SER A 40 18.81 -7.52 12.91
CA SER A 40 17.43 -8.04 12.98
C SER A 40 16.67 -7.41 14.14
N LEU A 41 15.35 -7.37 14.09
CA LEU A 41 14.56 -6.66 15.07
C LEU A 41 13.37 -7.52 15.43
N ASN A 42 13.29 -7.88 16.71
CA ASN A 42 12.18 -8.69 17.20
C ASN A 42 11.20 -7.79 17.98
N LEU A 43 10.00 -7.63 17.45
CA LEU A 43 8.97 -6.80 18.03
C LEU A 43 7.95 -7.74 18.55
N ASN A 44 7.44 -7.44 19.74
CA ASN A 44 6.41 -8.28 20.31
C ASN A 44 5.30 -7.37 20.70
N THR A 45 4.20 -7.55 20.01
CA THR A 45 3.04 -6.71 20.18
C THR A 45 2.20 -7.26 21.27
N ASN A 46 2.52 -8.46 21.73
CA ASN A 46 1.74 -9.16 22.76
C ASN A 46 0.51 -9.78 22.13
N HIS A 47 0.43 -9.64 20.81
CA HIS A 47 -0.62 -10.33 20.05
C HIS A 47 0.07 -10.91 18.88
N GLY A 48 1.30 -11.41 19.13
CA GLY A 48 2.13 -11.98 18.10
C GLY A 48 3.36 -11.15 17.87
N ARG A 49 4.29 -11.71 17.10
CA ARG A 49 5.58 -11.10 16.87
C ARG A 49 5.93 -10.79 15.39
N ILE A 50 6.82 -9.85 15.18
CA ILE A 50 7.26 -9.48 13.85
C ILE A 50 8.75 -9.44 13.88
N LEU A 51 9.37 -10.29 13.08
CA LEU A 51 10.80 -10.33 12.97
C LEU A 51 11.16 -9.50 11.76
N LEU A 52 11.97 -8.48 11.96
CA LEU A 52 12.41 -7.74 10.81
C LEU A 52 13.88 -8.11 10.65
N ASP A 53 14.16 -9.03 9.73
CA ASP A 53 15.55 -9.41 9.49
C ASP A 53 16.11 -8.64 8.32
N TYR A 54 16.94 -7.65 8.60
CA TYR A 54 17.63 -6.90 7.57
C TYR A 54 19.12 -7.25 7.40
N SER A 55 19.51 -8.45 7.83
CA SER A 55 20.93 -8.87 7.67
C SER A 55 21.46 -9.14 6.25
N LYS A 56 20.59 -9.51 5.33
CA LYS A 56 21.02 -9.76 3.95
C LYS A 56 21.02 -8.49 3.09
N ASN A 57 21.45 -7.38 3.68
CA ASN A 57 21.61 -6.15 2.93
C ASN A 57 23.07 -5.75 2.82
N LEU A 58 23.39 -5.08 1.72
CA LEU A 58 24.73 -4.58 1.48
C LEU A 58 25.02 -3.49 2.50
N VAL A 59 25.18 -3.89 3.73
CA VAL A 59 25.31 -2.86 4.70
C VAL A 59 26.27 -3.32 5.76
N THR A 60 26.92 -2.37 6.41
CA THR A 60 27.69 -2.67 7.64
C THR A 60 27.20 -1.84 8.85
N GLU A 61 27.75 -2.11 10.02
CA GLU A 61 27.43 -1.34 11.21
C GLU A 61 27.81 0.11 10.96
N ALA A 62 28.97 0.30 10.37
CA ALA A 62 29.36 1.65 10.11
C ALA A 62 28.29 2.28 9.24
N VAL A 63 27.85 1.59 8.19
CA VAL A 63 26.87 2.23 7.30
C VAL A 63 25.57 2.57 8.00
N MET A 64 25.11 1.65 8.83
CA MET A 64 23.86 1.82 9.55
C MET A 64 23.95 3.01 10.48
N GLN A 65 25.12 3.19 11.08
CA GLN A 65 25.31 4.29 12.03
C GLN A 65 25.26 5.59 11.26
N MET A 66 25.98 5.67 10.15
CA MET A 66 25.95 6.85 9.28
C MET A 66 24.55 7.12 8.71
N LEU A 67 23.78 6.06 8.43
CA LEU A 67 22.39 6.22 7.98
C LEU A 67 21.50 6.76 9.10
N VAL A 68 21.80 6.36 10.34
CA VAL A 68 20.97 6.85 11.43
C VAL A 68 21.32 8.32 11.65
N ASP A 69 22.61 8.67 11.50
CA ASP A 69 23.03 10.05 11.73
C ASP A 69 22.32 10.96 10.73
N LEU A 70 22.17 10.49 9.48
CA LEU A 70 21.45 11.26 8.44
C LEU A 70 19.98 11.54 8.86
N ALA A 71 19.31 10.54 9.43
CA ALA A 71 17.92 10.68 9.83
C ALA A 71 17.73 11.72 10.95
N LYS A 72 18.63 11.70 11.92
CA LYS A 72 18.62 12.65 13.03
C LYS A 72 18.86 14.05 12.54
N SER A 73 19.85 14.14 11.70
CA SER A 73 20.31 15.39 11.22
C SER A 73 19.32 16.05 10.30
N ARG A 74 18.47 15.24 9.69
CA ARG A 74 17.46 15.81 8.81
C ARG A 74 16.13 16.02 9.50
N GLY A 75 16.09 15.87 10.83
CA GLY A 75 14.93 16.19 11.63
C GLY A 75 13.80 15.20 11.66
N VAL A 76 14.14 13.92 11.51
CA VAL A 76 13.14 12.86 11.54
C VAL A 76 12.42 12.84 12.90
N GLU A 77 13.17 12.88 13.99
CA GLU A 77 12.50 12.88 15.29
C GLU A 77 11.44 13.98 15.46
N ALA A 78 11.79 15.20 15.13
CA ALA A 78 10.89 16.32 15.29
C ALA A 78 9.73 16.29 14.29
N ALA A 79 10.03 15.95 13.04
CA ALA A 79 9.00 15.91 12.00
C ALA A 79 7.91 14.99 12.52
N ARG A 80 8.40 13.90 13.09
CA ARG A 80 7.54 12.94 13.64
C ARG A 80 6.54 13.49 14.69
N GLU A 81 7.03 14.23 15.68
CA GLU A 81 6.19 14.86 16.72
C GLU A 81 5.21 15.84 16.11
N ARG A 82 5.65 16.57 15.09
CA ARG A 82 4.76 17.52 14.42
C ARG A 82 3.54 16.79 13.84
N MET A 83 3.77 15.61 13.28
CA MET A 83 2.72 14.77 12.76
C MET A 83 1.74 14.39 13.87
N PHE A 84 2.22 13.73 14.91
CA PHE A 84 1.34 13.34 16.02
C PHE A 84 0.65 14.53 16.73
N ASN A 85 1.31 15.67 16.86
CA ASN A 85 0.67 16.78 17.55
C ASN A 85 -0.35 17.58 16.73
N GLY A 86 -0.50 17.23 15.47
CA GLY A 86 -1.56 17.87 14.71
C GLY A 86 -1.12 19.08 13.96
N GLU A 87 0.17 19.27 13.78
CA GLU A 87 0.67 20.38 13.01
C GLU A 87 0.44 20.21 11.54
N LYS A 88 0.53 21.30 10.82
CA LYS A 88 0.20 21.28 9.42
C LYS A 88 1.39 20.94 8.56
N ILE A 89 1.82 19.68 8.64
CA ILE A 89 2.97 19.27 7.88
C ILE A 89 2.73 19.07 6.39
N ASN A 90 1.47 19.09 5.97
CA ASN A 90 1.13 19.03 4.56
C ASN A 90 1.17 20.49 4.22
N PHE A 91 2.36 20.89 3.86
CA PHE A 91 2.68 22.30 3.68
C PHE A 91 2.14 22.97 2.41
N THR A 92 1.86 22.21 1.33
CA THR A 92 1.31 22.83 0.12
C THR A 92 -0.18 22.98 0.20
N GLU A 93 -0.82 22.09 0.94
CA GLU A 93 -2.25 22.23 1.06
C GLU A 93 -2.52 22.90 2.41
N ASP A 94 -1.51 22.99 3.26
CA ASP A 94 -1.72 23.58 4.57
C ASP A 94 -2.70 22.75 5.39
N ARG A 95 -2.39 21.47 5.52
CA ARG A 95 -3.26 20.55 6.24
C ARG A 95 -2.48 19.80 7.29
N ALA A 96 -3.22 19.26 8.27
CA ALA A 96 -2.64 18.38 9.24
C ALA A 96 -2.68 16.96 8.63
N VAL A 97 -1.82 16.06 9.06
CA VAL A 97 -1.75 14.71 8.49
C VAL A 97 -1.96 13.79 9.67
N LEU A 98 -3.19 13.40 9.89
CA LEU A 98 -3.56 12.67 11.05
C LEU A 98 -4.22 11.28 10.86
N HIS A 99 -3.74 10.47 9.92
CA HIS A 99 -4.28 9.11 9.88
C HIS A 99 -4.05 8.46 11.27
N VAL A 100 -3.03 8.93 12.01
CA VAL A 100 -2.79 8.38 13.36
C VAL A 100 -3.88 8.68 14.38
N ALA A 101 -4.64 9.77 14.23
CA ALA A 101 -5.80 9.97 15.11
C ALA A 101 -6.92 8.94 14.90
N LEU A 102 -7.05 8.41 13.68
CA LEU A 102 -8.16 7.49 13.37
C LEU A 102 -8.20 6.21 14.22
N ARG A 103 -7.02 5.74 14.65
CA ARG A 103 -6.74 4.49 15.35
C ARG A 103 -6.10 4.85 16.71
N ASN A 104 -6.32 6.07 17.16
CA ASN A 104 -5.80 6.52 18.45
C ASN A 104 -6.66 5.92 19.55
N ARG A 105 -6.46 4.64 19.84
CA ARG A 105 -7.36 3.97 20.75
C ARG A 105 -7.33 4.55 22.19
N SER A 106 -6.21 5.14 22.58
CA SER A 106 -6.05 5.72 23.90
C SER A 106 -6.79 7.05 24.05
N ASN A 107 -7.24 7.62 22.94
CA ASN A 107 -8.02 8.85 22.99
C ASN A 107 -7.25 9.97 23.62
N THR A 108 -5.96 10.02 23.37
CA THR A 108 -5.18 11.14 23.81
C THR A 108 -5.72 12.30 22.97
N PRO A 109 -5.92 13.46 23.56
CA PRO A 109 -6.37 14.64 22.77
C PRO A 109 -5.36 15.07 21.71
N ILE A 110 -5.82 15.09 20.47
CA ILE A 110 -4.99 15.59 19.39
C ILE A 110 -5.73 16.76 18.82
N LEU A 111 -5.09 17.91 18.90
CA LEU A 111 -5.70 19.17 18.54
C LEU A 111 -5.36 19.64 17.14
N VAL A 112 -6.38 20.13 16.46
CA VAL A 112 -6.22 20.78 15.17
C VAL A 112 -6.92 22.15 15.25
N ASP A 113 -6.09 23.19 15.41
CA ASP A 113 -6.52 24.58 15.58
C ASP A 113 -7.23 24.69 16.89
N GLY A 114 -6.55 24.18 17.90
CA GLY A 114 -7.03 24.18 19.24
C GLY A 114 -8.05 23.10 19.52
N LYS A 115 -8.79 22.63 18.53
CA LYS A 115 -9.88 21.70 18.81
C LYS A 115 -9.47 20.23 18.79
N ASP A 116 -9.76 19.49 19.86
CA ASP A 116 -9.47 18.06 19.90
C ASP A 116 -10.26 17.34 18.80
N VAL A 117 -9.59 16.53 17.98
CA VAL A 117 -10.29 15.85 16.88
C VAL A 117 -10.92 14.55 17.36
N MET A 118 -10.51 14.08 18.52
CA MET A 118 -10.93 12.74 18.92
C MET A 118 -12.42 12.51 19.14
N PRO A 119 -13.16 13.46 19.66
CA PRO A 119 -14.60 13.23 19.82
C PRO A 119 -15.32 13.06 18.51
N GLU A 120 -14.76 13.58 17.43
CA GLU A 120 -15.37 13.37 16.14
C GLU A 120 -14.97 11.97 15.58
N VAL A 121 -13.74 11.55 15.86
CA VAL A 121 -13.28 10.24 15.41
C VAL A 121 -14.13 9.13 16.06
N ASN A 122 -14.15 9.11 17.38
CA ASN A 122 -14.99 8.18 18.17
C ASN A 122 -16.52 8.18 17.83
N ARG A 123 -17.01 9.29 17.32
CA ARG A 123 -18.43 9.43 17.05
C ARG A 123 -18.79 8.65 15.79
N VAL A 124 -18.07 8.92 14.70
CA VAL A 124 -18.29 8.21 13.47
C VAL A 124 -17.99 6.70 13.66
N LEU A 125 -17.06 6.41 14.53
CA LEU A 125 -16.78 5.03 14.83
C LEU A 125 -18.02 4.36 15.47
N GLU A 126 -18.69 5.04 16.41
CA GLU A 126 -19.89 4.41 17.06
C GLU A 126 -21.02 4.28 16.07
N LYS A 127 -21.12 5.24 15.18
CA LYS A 127 -22.11 5.20 14.13
C LYS A 127 -21.82 3.96 13.30
N MET A 128 -20.52 3.74 13.10
CA MET A 128 -20.10 2.61 12.31
C MET A 128 -20.48 1.35 13.03
N LYS A 129 -20.22 1.35 14.32
CA LYS A 129 -20.46 0.19 15.15
C LYS A 129 -21.92 -0.21 15.13
N SER A 130 -22.80 0.77 15.30
CA SER A 130 -24.22 0.42 15.30
C SER A 130 -24.76 0.01 13.92
N PHE A 131 -24.31 0.68 12.87
CA PHE A 131 -24.72 0.35 11.52
C PHE A 131 -24.24 -1.05 11.12
N CYS A 132 -23.05 -1.44 11.53
CA CYS A 132 -22.57 -2.77 11.19
C CYS A 132 -23.38 -3.87 11.87
N LYS A 133 -23.66 -3.65 13.15
CA LYS A 133 -24.49 -4.55 13.94
C LYS A 133 -25.91 -4.67 13.31
N ARG A 134 -26.53 -3.55 12.93
CA ARG A 134 -27.85 -3.65 12.27
C ARG A 134 -27.87 -4.39 10.92
N VAL A 135 -26.89 -4.09 10.05
CA VAL A 135 -26.79 -4.73 8.75
C VAL A 135 -26.39 -6.21 8.94
N ARG A 136 -25.38 -6.49 9.75
CA ARG A 136 -25.01 -7.88 9.98
C ARG A 136 -26.08 -8.79 10.64
N SER A 137 -26.91 -8.25 11.53
CA SER A 137 -27.90 -9.07 12.23
C SER A 137 -29.14 -9.39 11.37
N GLY A 138 -29.33 -8.60 10.33
CA GLY A 138 -30.51 -8.73 9.55
C GLY A 138 -31.54 -7.72 10.03
N GLU A 139 -31.32 -7.02 11.14
CA GLU A 139 -32.29 -5.97 11.48
C GLU A 139 -32.45 -4.95 10.35
N TRP A 140 -31.37 -4.54 9.68
CA TRP A 140 -31.48 -3.51 8.63
C TRP A 140 -32.15 -4.11 7.40
N LYS A 141 -33.38 -3.73 7.07
CA LYS A 141 -33.99 -4.37 5.89
C LYS A 141 -34.04 -3.48 4.68
N GLY A 142 -34.12 -4.12 3.53
CA GLY A 142 -34.17 -3.42 2.28
C GLY A 142 -35.62 -3.06 1.99
N TYR A 143 -35.82 -2.45 0.84
CA TYR A 143 -37.13 -1.93 0.51
C TYR A 143 -38.26 -3.00 0.43
N SER A 144 -37.97 -4.22 0.00
CA SER A 144 -39.02 -5.28 -0.03
C SER A 144 -39.07 -6.07 1.29
N GLY A 145 -38.51 -5.47 2.33
CA GLY A 145 -38.41 -6.09 3.64
C GLY A 145 -37.33 -7.17 3.82
N LYS A 146 -36.33 -7.24 2.94
CA LYS A 146 -35.32 -8.30 3.02
C LYS A 146 -34.00 -7.87 3.64
N SER A 147 -33.22 -8.86 4.07
CA SER A 147 -31.91 -8.61 4.65
C SER A 147 -30.88 -8.38 3.54
N ILE A 148 -29.76 -7.73 3.86
CA ILE A 148 -28.69 -7.46 2.91
C ILE A 148 -27.80 -8.67 2.78
N THR A 149 -27.54 -9.06 1.55
CA THR A 149 -26.69 -10.22 1.30
C THR A 149 -25.47 -9.75 0.61
N ASP A 150 -25.52 -8.55 0.02
CA ASP A 150 -24.44 -8.01 -0.76
C ASP A 150 -24.16 -6.51 -0.49
N VAL A 151 -22.92 -6.23 -0.13
CA VAL A 151 -22.40 -4.89 0.04
C VAL A 151 -21.54 -4.54 -1.18
N ILE A 152 -21.87 -3.41 -1.81
CA ILE A 152 -21.13 -2.92 -2.97
C ILE A 152 -20.52 -1.52 -2.73
N ASN A 153 -19.20 -1.46 -2.58
CA ASN A 153 -18.42 -0.22 -2.46
C ASN A 153 -18.16 0.45 -3.81
N ILE A 154 -18.39 1.74 -3.92
CA ILE A 154 -18.09 2.47 -5.15
C ILE A 154 -17.11 3.60 -4.80
N GLY A 155 -15.91 3.50 -5.32
CA GLY A 155 -14.90 4.51 -5.09
C GLY A 155 -13.67 4.09 -5.82
N ILE A 156 -12.78 5.04 -6.03
CA ILE A 156 -11.56 4.71 -6.73
C ILE A 156 -10.37 5.15 -5.91
N GLY A 157 -9.18 4.62 -6.21
CA GLY A 157 -7.97 5.01 -5.51
C GLY A 157 -7.97 4.63 -4.04
N GLY A 158 -7.88 5.63 -3.19
CA GLY A 158 -7.80 5.35 -1.79
C GLY A 158 -9.11 4.81 -1.27
N SER A 159 -10.21 5.21 -1.92
CA SER A 159 -11.54 4.75 -1.53
C SER A 159 -11.78 3.36 -2.04
N ASP A 160 -10.73 2.76 -2.62
CA ASP A 160 -10.88 1.44 -3.22
C ASP A 160 -9.80 0.47 -2.77
N LEU A 161 -8.54 0.75 -3.05
CA LEU A 161 -7.48 -0.19 -2.73
C LEU A 161 -7.42 -0.71 -1.28
N GLY A 162 -7.59 0.17 -0.29
CA GLY A 162 -7.53 -0.22 1.12
C GLY A 162 -8.56 -1.27 1.50
N PRO A 163 -9.83 -0.90 1.36
CA PRO A 163 -10.96 -1.81 1.55
C PRO A 163 -10.75 -3.18 0.91
N LEU A 164 -10.47 -3.18 -0.37
CA LEU A 164 -10.26 -4.41 -1.12
C LEU A 164 -9.08 -5.24 -0.64
N MET A 165 -7.96 -4.60 -0.40
CA MET A 165 -6.75 -5.33 0.04
C MET A 165 -6.99 -5.96 1.38
N VAL A 166 -7.62 -5.21 2.27
CA VAL A 166 -7.88 -5.71 3.58
C VAL A 166 -8.97 -6.80 3.59
N THR A 167 -10.06 -6.58 2.88
CA THR A 167 -11.07 -7.63 2.86
C THR A 167 -10.52 -8.89 2.21
N GLU A 168 -9.72 -8.75 1.17
CA GLU A 168 -9.10 -9.91 0.55
C GLU A 168 -8.20 -10.57 1.57
N ALA A 169 -7.48 -9.78 2.36
CA ALA A 169 -6.53 -10.37 3.31
C ALA A 169 -7.18 -10.99 4.55
N LEU A 170 -8.28 -10.44 5.02
CA LEU A 170 -8.94 -10.94 6.22
C LEU A 170 -10.12 -11.86 5.89
N LYS A 171 -10.14 -12.39 4.68
CA LYS A 171 -11.16 -13.35 4.25
C LYS A 171 -11.67 -14.34 5.30
N PRO A 172 -10.79 -15.05 5.99
CA PRO A 172 -11.25 -15.98 7.03
C PRO A 172 -12.17 -15.34 8.10
N TYR A 173 -12.00 -14.09 8.44
CA TYR A 173 -12.82 -13.52 9.48
C TYR A 173 -14.17 -13.02 8.98
N SER A 174 -14.53 -13.41 7.77
CA SER A 174 -15.74 -12.87 7.15
C SER A 174 -16.95 -13.79 6.97
N ALA A 175 -17.00 -14.92 7.67
CA ALA A 175 -18.10 -15.88 7.40
C ALA A 175 -19.46 -15.34 7.78
N GLU A 176 -19.53 -14.55 8.82
CA GLU A 176 -20.84 -14.17 9.25
C GLU A 176 -21.23 -12.89 8.52
N GLY A 177 -20.41 -12.47 7.57
CA GLY A 177 -20.71 -11.20 6.93
C GLY A 177 -21.29 -11.33 5.54
N PRO A 178 -21.89 -10.25 5.04
CA PRO A 178 -22.42 -10.21 3.67
C PRO A 178 -21.24 -10.15 2.71
N ARG A 179 -21.46 -10.48 1.44
CA ARG A 179 -20.40 -10.48 0.46
C ARG A 179 -19.98 -9.06 0.13
N VAL A 180 -18.72 -8.81 -0.17
CA VAL A 180 -18.38 -7.48 -0.64
C VAL A 180 -17.99 -7.43 -2.13
N TRP A 181 -18.29 -6.32 -2.79
CA TRP A 181 -17.96 -6.13 -4.19
C TRP A 181 -17.33 -4.77 -4.20
N PHE A 182 -16.38 -4.57 -5.10
CA PHE A 182 -15.66 -3.32 -5.24
C PHE A 182 -15.67 -2.85 -6.70
N VAL A 183 -16.47 -1.84 -6.99
CA VAL A 183 -16.57 -1.26 -8.30
C VAL A 183 -15.73 0.00 -8.30
N SER A 184 -14.72 0.08 -9.15
CA SER A 184 -13.86 1.25 -9.14
C SER A 184 -13.63 1.91 -10.48
N ASN A 185 -13.29 1.14 -11.49
CA ASN A 185 -13.03 1.71 -12.81
C ASN A 185 -14.29 2.35 -13.39
N ILE A 186 -14.12 3.46 -14.10
CA ILE A 186 -15.22 4.13 -14.78
C ILE A 186 -15.69 3.21 -15.94
N ASP A 187 -14.78 2.38 -16.43
CA ASP A 187 -15.08 1.37 -17.48
C ASP A 187 -16.39 0.71 -17.10
N GLY A 188 -17.40 0.82 -17.98
CA GLY A 188 -18.73 0.36 -17.68
C GLY A 188 -18.85 -1.11 -17.40
N THR A 189 -17.84 -1.85 -17.85
CA THR A 189 -17.73 -3.28 -17.59
C THR A 189 -17.78 -3.59 -16.09
N HIS A 190 -17.07 -2.75 -15.35
CA HIS A 190 -16.89 -2.98 -13.94
C HIS A 190 -18.23 -3.01 -13.23
N ILE A 191 -19.07 -2.01 -13.49
CA ILE A 191 -20.40 -1.90 -12.91
C ILE A 191 -21.32 -2.95 -13.52
N ALA A 192 -21.29 -3.07 -14.83
CA ALA A 192 -22.20 -4.00 -15.51
C ALA A 192 -22.03 -5.44 -15.06
N LYS A 193 -20.78 -5.86 -14.87
CA LYS A 193 -20.56 -7.26 -14.51
C LYS A 193 -20.98 -7.50 -13.07
N THR A 194 -20.89 -6.48 -12.23
CA THR A 194 -21.28 -6.63 -10.85
C THR A 194 -22.77 -6.65 -10.73
N LEU A 195 -23.40 -5.61 -11.27
CA LEU A 195 -24.84 -5.46 -11.17
C LEU A 195 -25.60 -6.64 -11.75
N ALA A 196 -25.08 -7.28 -12.77
CA ALA A 196 -25.85 -8.32 -13.45
C ALA A 196 -26.06 -9.59 -12.64
N THR A 197 -25.53 -9.63 -11.42
CA THR A 197 -25.77 -10.80 -10.57
C THR A 197 -26.48 -10.40 -9.28
N LEU A 198 -26.67 -9.10 -9.10
CA LEU A 198 -27.21 -8.66 -7.83
C LEU A 198 -28.73 -8.59 -7.85
N ASN A 199 -29.30 -8.67 -6.67
CA ASN A 199 -30.70 -8.43 -6.52
C ASN A 199 -30.81 -7.11 -5.76
N PRO A 200 -31.51 -6.16 -6.34
CA PRO A 200 -31.63 -4.82 -5.73
C PRO A 200 -32.31 -4.87 -4.39
N GLU A 201 -33.07 -5.91 -4.12
CA GLU A 201 -33.77 -6.02 -2.84
C GLU A 201 -32.80 -6.25 -1.67
N SER A 202 -31.72 -7.00 -1.90
CA SER A 202 -30.80 -7.37 -0.84
C SER A 202 -29.46 -6.73 -1.10
N SER A 203 -29.43 -5.65 -1.83
CA SER A 203 -28.13 -5.01 -2.10
C SER A 203 -27.92 -3.65 -1.44
N LEU A 204 -26.74 -3.43 -0.89
CA LEU A 204 -26.40 -2.16 -0.31
C LEU A 204 -25.20 -1.52 -1.02
N PHE A 205 -25.41 -0.30 -1.53
CA PHE A 205 -24.39 0.48 -2.20
C PHE A 205 -23.73 1.52 -1.25
N ILE A 206 -22.39 1.49 -1.18
CA ILE A 206 -21.62 2.49 -0.42
C ILE A 206 -20.89 3.42 -1.40
N ILE A 207 -21.18 4.72 -1.39
CA ILE A 207 -20.48 5.68 -2.25
C ILE A 207 -19.35 6.36 -1.44
N ALA A 208 -18.13 5.85 -1.60
CA ALA A 208 -16.97 6.37 -0.87
C ALA A 208 -16.17 7.36 -1.70
N SER A 209 -16.44 8.62 -1.45
CA SER A 209 -15.72 9.69 -2.12
C SER A 209 -15.47 10.85 -1.16
N LYS A 210 -14.21 11.06 -0.91
CA LYS A 210 -13.82 12.11 0.02
C LYS A 210 -14.33 13.48 -0.40
N THR A 211 -14.26 13.79 -1.70
CA THR A 211 -14.74 15.08 -2.20
C THR A 211 -16.18 14.96 -2.63
N PHE A 212 -16.58 13.72 -2.96
CA PHE A 212 -17.89 13.44 -3.52
C PHE A 212 -18.11 14.13 -4.89
N THR A 213 -16.99 14.41 -5.59
CA THR A 213 -17.02 14.99 -6.96
C THR A 213 -16.10 14.22 -7.95
N THR A 214 -15.46 13.14 -7.50
CA THR A 214 -14.65 12.32 -8.40
C THR A 214 -15.51 11.75 -9.55
N GLN A 215 -15.08 12.03 -10.77
CA GLN A 215 -15.86 11.73 -11.92
C GLN A 215 -16.29 10.30 -12.01
N GLU A 216 -15.35 9.37 -12.00
CA GLU A 216 -15.78 8.01 -12.17
C GLU A 216 -16.68 7.52 -11.04
N THR A 217 -16.44 7.98 -9.83
CA THR A 217 -17.17 7.45 -8.71
C THR A 217 -18.60 7.89 -8.71
N ILE A 218 -18.78 9.17 -9.01
CA ILE A 218 -20.10 9.73 -9.09
C ILE A 218 -20.83 9.16 -10.32
N THR A 219 -20.14 8.85 -11.41
CA THR A 219 -20.94 8.31 -12.49
C THR A 219 -21.25 6.84 -12.33
N ASN A 220 -20.42 6.13 -11.59
CA ASN A 220 -20.77 4.76 -11.27
C ASN A 220 -21.91 4.82 -10.30
N ALA A 221 -21.85 5.74 -9.34
CA ALA A 221 -22.90 5.84 -8.33
C ALA A 221 -24.24 6.18 -8.95
N GLU A 222 -24.27 6.96 -10.03
CA GLU A 222 -25.55 7.27 -10.69
C GLU A 222 -26.10 6.07 -11.47
N THR A 223 -25.20 5.36 -12.11
CA THR A 223 -25.59 4.22 -12.89
C THR A 223 -26.21 3.23 -11.93
N ALA A 224 -25.57 2.94 -10.82
CA ALA A 224 -26.15 2.00 -9.86
C ALA A 224 -27.52 2.51 -9.39
N LYS A 225 -27.59 3.83 -9.16
CA LYS A 225 -28.82 4.42 -8.67
C LYS A 225 -29.92 4.19 -9.70
N GLU A 226 -29.59 4.35 -10.98
CA GLU A 226 -30.58 4.13 -12.01
C GLU A 226 -31.02 2.65 -12.00
N TRP A 227 -30.06 1.73 -11.95
CA TRP A 227 -30.37 0.29 -11.90
C TRP A 227 -31.31 -0.05 -10.75
N PHE A 228 -31.05 0.54 -9.60
CA PHE A 228 -31.84 0.26 -8.41
C PHE A 228 -33.25 0.78 -8.56
N LEU A 229 -33.36 2.04 -9.00
CA LEU A 229 -34.63 2.72 -9.18
C LEU A 229 -35.52 2.13 -10.27
N GLN A 230 -35.00 1.24 -11.09
CA GLN A 230 -35.87 0.61 -12.05
C GLN A 230 -36.65 -0.43 -11.31
N SER A 231 -36.10 -0.96 -10.24
CA SER A 231 -36.81 -1.97 -9.52
C SER A 231 -37.65 -1.33 -8.43
N ALA A 232 -37.02 -0.47 -7.64
CA ALA A 232 -37.65 0.15 -6.48
C ALA A 232 -38.74 1.16 -6.79
N LYS A 233 -38.50 2.00 -7.79
CA LYS A 233 -39.49 2.98 -8.22
C LYS A 233 -39.88 3.93 -7.14
N ASP A 234 -39.44 3.75 -5.92
CA ASP A 234 -39.80 4.75 -4.95
C ASP A 234 -38.48 5.35 -4.51
N PRO A 235 -38.33 6.62 -4.79
CA PRO A 235 -37.10 7.38 -4.46
C PRO A 235 -36.73 7.31 -2.98
N SER A 236 -37.69 7.11 -2.12
CA SER A 236 -37.30 7.07 -0.73
C SER A 236 -36.70 5.71 -0.39
N ALA A 237 -36.85 4.77 -1.31
CA ALA A 237 -36.26 3.44 -1.15
C ALA A 237 -34.74 3.58 -1.18
N VAL A 238 -34.26 4.69 -1.71
CA VAL A 238 -32.83 4.96 -1.76
C VAL A 238 -32.20 5.05 -0.36
N ALA A 239 -32.96 5.50 0.62
CA ALA A 239 -32.39 5.68 1.93
C ALA A 239 -32.05 4.37 2.61
N LYS A 240 -32.69 3.29 2.20
CA LYS A 240 -32.33 2.00 2.81
C LYS A 240 -31.24 1.28 2.03
N HIS A 241 -30.84 1.85 0.89
CA HIS A 241 -29.92 1.14 0.03
C HIS A 241 -28.59 1.86 -0.29
N PHE A 242 -28.50 3.14 0.03
CA PHE A 242 -27.27 3.84 -0.30
C PHE A 242 -26.69 4.56 0.91
N VAL A 243 -25.39 4.42 1.10
CA VAL A 243 -24.70 5.19 2.16
C VAL A 243 -23.48 5.91 1.60
N ALA A 244 -23.09 6.98 2.27
CA ALA A 244 -22.03 7.79 1.70
C ALA A 244 -20.89 7.99 2.69
N LEU A 245 -19.67 7.94 2.19
CA LEU A 245 -18.47 8.16 2.99
C LEU A 245 -17.74 9.37 2.38
N SER A 246 -17.95 10.55 2.94
CA SER A 246 -17.38 11.73 2.34
C SER A 246 -16.98 12.77 3.37
N THR A 247 -16.54 13.93 2.88
CA THR A 247 -16.21 15.09 3.72
C THR A 247 -17.23 16.14 3.38
N ASN A 248 -17.71 16.10 2.15
CA ASN A 248 -18.67 17.11 1.66
C ASN A 248 -20.14 16.71 1.82
N THR A 249 -20.73 17.10 2.94
CA THR A 249 -22.14 16.92 3.29
C THR A 249 -23.05 17.46 2.22
N THR A 250 -22.78 18.69 1.79
CA THR A 250 -23.59 19.34 0.78
C THR A 250 -23.64 18.49 -0.48
N LYS A 251 -22.48 17.97 -0.89
CA LYS A 251 -22.49 17.15 -2.10
C LYS A 251 -23.28 15.82 -1.91
N VAL A 252 -23.05 15.17 -0.75
CA VAL A 252 -23.79 13.97 -0.40
C VAL A 252 -25.28 14.23 -0.54
N LYS A 253 -25.72 15.35 0.04
CA LYS A 253 -27.14 15.72 0.07
C LYS A 253 -27.68 15.96 -1.34
N GLU A 254 -26.91 16.73 -2.13
CA GLU A 254 -27.28 16.95 -3.54
C GLU A 254 -27.32 15.66 -4.37
N PHE A 255 -26.78 14.56 -3.87
CA PHE A 255 -26.87 13.29 -4.63
C PHE A 255 -28.07 12.51 -4.18
N GLY A 256 -28.72 12.96 -3.12
CA GLY A 256 -29.92 12.33 -2.64
C GLY A 256 -29.74 11.36 -1.49
N ILE A 257 -28.55 11.30 -0.88
CA ILE A 257 -28.42 10.38 0.26
C ILE A 257 -28.90 11.03 1.56
N ASP A 258 -29.58 10.25 2.38
CA ASP A 258 -30.06 10.73 3.66
C ASP A 258 -28.89 11.11 4.57
N PRO A 259 -28.84 12.38 5.01
CA PRO A 259 -27.74 12.87 5.85
C PRO A 259 -27.49 11.94 7.00
N GLN A 260 -28.54 11.28 7.47
CA GLN A 260 -28.42 10.26 8.52
C GLN A 260 -27.59 9.08 7.98
N ASN A 261 -27.52 8.91 6.66
CA ASN A 261 -26.69 7.84 6.15
C ASN A 261 -25.28 8.29 5.78
N MET A 262 -24.88 9.45 6.24
CA MET A 262 -23.54 9.85 5.90
C MET A 262 -22.57 9.61 7.07
N PHE A 263 -21.47 8.91 6.79
CA PHE A 263 -20.39 8.62 7.72
C PHE A 263 -19.27 9.55 7.30
N GLU A 264 -18.91 10.53 8.10
CA GLU A 264 -17.87 11.42 7.62
C GLU A 264 -16.44 11.19 8.12
N PHE A 265 -15.52 11.83 7.42
CA PHE A 265 -14.13 11.89 7.79
C PHE A 265 -13.61 13.28 7.44
N TRP A 266 -12.31 13.53 7.62
CA TRP A 266 -11.74 14.89 7.57
C TRP A 266 -10.65 15.18 6.55
N ASP A 267 -10.43 16.47 6.28
CA ASP A 267 -9.51 16.84 5.22
C ASP A 267 -8.12 16.38 5.62
N TRP A 268 -7.94 16.13 6.90
CA TRP A 268 -6.63 15.71 7.35
C TRP A 268 -6.47 14.21 7.22
N VAL A 269 -7.47 13.56 6.61
CA VAL A 269 -7.33 12.14 6.28
C VAL A 269 -7.02 12.01 4.82
N GLY A 270 -5.78 11.68 4.52
CA GLY A 270 -5.40 11.45 3.13
C GLY A 270 -6.02 10.20 2.50
N GLY A 271 -6.44 10.32 1.24
CA GLY A 271 -6.98 9.20 0.48
C GLY A 271 -6.19 7.89 0.63
N ARG A 272 -4.88 7.96 0.41
CA ARG A 272 -4.08 6.74 0.48
C ARG A 272 -3.72 6.36 1.92
N TYR A 273 -4.41 6.97 2.90
CA TYR A 273 -4.20 6.72 4.34
C TYR A 273 -5.57 6.64 5.00
N SER A 274 -6.61 6.32 4.24
CA SER A 274 -7.94 6.44 4.79
C SER A 274 -8.66 5.20 5.24
N LEU A 275 -8.09 4.04 4.99
CA LEU A 275 -8.79 2.80 5.32
C LEU A 275 -9.12 2.77 6.78
N TRP A 276 -8.38 3.52 7.56
CA TRP A 276 -8.63 3.55 8.97
C TRP A 276 -9.88 4.36 9.42
N SER A 277 -10.44 5.14 8.51
CA SER A 277 -11.56 6.00 8.83
C SER A 277 -12.83 5.35 8.38
N ALA A 278 -13.86 6.19 8.25
CA ALA A 278 -15.14 5.76 7.74
C ALA A 278 -14.98 5.04 6.38
N ILE A 279 -13.86 5.27 5.69
CA ILE A 279 -13.64 4.61 4.41
C ILE A 279 -13.58 3.07 4.58
N GLY A 280 -13.25 2.61 5.78
CA GLY A 280 -13.20 1.17 6.04
C GLY A 280 -14.57 0.54 6.36
N LEU A 281 -15.63 1.29 6.14
CA LEU A 281 -16.96 0.74 6.43
C LEU A 281 -17.13 -0.65 5.82
N SER A 282 -16.72 -0.83 4.58
CA SER A 282 -16.85 -2.15 3.98
C SER A 282 -16.01 -3.24 4.67
N ILE A 283 -14.84 -2.90 5.26
CA ILE A 283 -14.09 -3.91 6.01
C ILE A 283 -14.90 -4.44 7.23
N ALA A 284 -15.42 -3.55 8.05
CA ALA A 284 -16.09 -3.87 9.31
C ALA A 284 -17.38 -4.61 9.07
N LEU A 285 -18.04 -4.16 8.03
CA LEU A 285 -19.30 -4.72 7.62
C LEU A 285 -19.12 -6.21 7.25
N HIS A 286 -17.98 -6.53 6.62
CA HIS A 286 -17.66 -7.87 6.12
C HIS A 286 -17.00 -8.79 7.14
N VAL A 287 -16.26 -8.21 8.05
CA VAL A 287 -15.46 -9.00 8.90
C VAL A 287 -15.92 -8.74 10.36
N GLY A 288 -16.89 -7.84 10.54
CA GLY A 288 -17.32 -7.47 11.87
C GLY A 288 -16.55 -6.28 12.43
N PHE A 289 -17.27 -5.42 13.15
CA PHE A 289 -16.66 -4.21 13.68
C PHE A 289 -15.53 -4.50 14.70
N ASP A 290 -15.70 -5.57 15.44
CA ASP A 290 -14.73 -6.01 16.42
C ASP A 290 -13.39 -6.29 15.75
N ASN A 291 -13.39 -6.90 14.57
CA ASN A 291 -12.11 -7.16 13.91
C ASN A 291 -11.53 -5.85 13.34
N PHE A 292 -12.40 -4.96 12.90
CA PHE A 292 -11.96 -3.67 12.43
C PHE A 292 -11.29 -2.95 13.58
N GLU A 293 -11.87 -3.08 14.76
CA GLU A 293 -11.29 -2.39 15.89
C GLU A 293 -9.95 -2.93 16.22
N GLN A 294 -9.73 -4.19 15.88
CA GLN A 294 -8.48 -4.87 16.17
C GLN A 294 -7.41 -4.46 15.17
N LEU A 295 -7.83 -4.29 13.93
CA LEU A 295 -6.98 -3.77 12.87
C LEU A 295 -6.45 -2.36 13.22
N LEU A 296 -7.37 -1.52 13.70
CA LEU A 296 -7.02 -0.18 14.14
C LEU A 296 -6.07 -0.24 15.34
N SER A 297 -6.19 -1.25 16.19
CA SER A 297 -5.35 -1.33 17.38
C SER A 297 -3.95 -1.75 17.05
N GLY A 298 -3.81 -2.66 16.09
CA GLY A 298 -2.49 -3.06 15.65
C GLY A 298 -1.77 -1.86 15.10
N ALA A 299 -2.47 -1.05 14.34
CA ALA A 299 -1.83 0.14 13.81
C ALA A 299 -1.47 1.10 14.98
N HIS A 300 -2.30 1.12 16.01
CA HIS A 300 -2.04 1.95 17.17
C HIS A 300 -0.76 1.46 17.86
N TRP A 301 -0.57 0.15 17.96
CA TRP A 301 0.66 -0.41 18.50
C TRP A 301 1.94 0.07 17.79
N MET A 302 1.94 -0.07 16.48
CA MET A 302 3.05 0.35 15.63
C MET A 302 3.23 1.86 15.73
N ASP A 303 2.13 2.59 15.84
CA ASP A 303 2.24 4.02 16.02
C ASP A 303 3.05 4.32 17.26
N GLN A 304 2.77 3.60 18.33
CA GLN A 304 3.46 3.89 19.55
C GLN A 304 4.90 3.50 19.48
N HIS A 305 5.22 2.44 18.72
CA HIS A 305 6.61 1.97 18.58
C HIS A 305 7.39 2.96 17.79
N PHE A 306 6.73 3.52 16.78
CA PHE A 306 7.39 4.45 15.86
C PHE A 306 7.79 5.71 16.59
N ARG A 307 6.83 6.24 17.36
CA ARG A 307 7.01 7.51 18.11
C ARG A 307 7.98 7.53 19.29
N THR A 308 8.15 6.38 19.96
CA THR A 308 8.91 6.32 21.19
C THR A 308 10.11 5.40 21.18
N THR A 309 10.44 4.80 20.07
CA THR A 309 11.60 3.95 20.05
C THR A 309 12.73 4.73 19.43
N PRO A 310 13.92 4.64 19.99
CA PRO A 310 15.07 5.29 19.37
C PRO A 310 15.37 4.73 17.95
N LEU A 311 15.69 5.66 17.05
CA LEU A 311 15.95 5.34 15.68
C LEU A 311 16.78 4.11 15.42
N GLU A 312 17.86 3.87 16.15
CA GLU A 312 18.66 2.72 15.79
C GLU A 312 17.92 1.40 15.87
N LYS A 313 16.79 1.36 16.56
CA LYS A 313 16.04 0.13 16.69
C LYS A 313 14.57 0.37 16.41
N ASN A 314 14.30 1.18 15.38
CA ASN A 314 12.94 1.57 15.04
C ASN A 314 12.52 0.96 13.67
N ALA A 315 11.59 0.01 13.68
CA ALA A 315 11.31 -0.71 12.42
C ALA A 315 11.09 0.15 11.17
N PRO A 316 10.17 1.09 11.21
CA PRO A 316 9.91 1.94 10.03
C PRO A 316 11.13 2.75 9.59
N VAL A 317 11.89 3.23 10.57
CA VAL A 317 13.08 4.04 10.32
C VAL A 317 14.13 3.17 9.63
N LEU A 318 14.31 1.96 10.10
CA LEU A 318 15.30 1.07 9.52
C LEU A 318 14.94 0.77 8.07
N LEU A 319 13.67 0.49 7.82
CA LEU A 319 13.21 0.18 6.46
C LEU A 319 13.38 1.37 5.52
N ALA A 320 13.09 2.57 6.03
CA ALA A 320 13.25 3.80 5.25
C ALA A 320 14.72 3.99 4.90
N LEU A 321 15.59 3.80 5.88
CA LEU A 321 16.99 4.03 5.66
C LEU A 321 17.58 3.05 4.68
N LEU A 322 17.19 1.77 4.75
CA LEU A 322 17.76 0.80 3.81
C LEU A 322 17.33 1.18 2.41
N GLY A 323 16.11 1.67 2.25
CA GLY A 323 15.65 2.07 0.94
C GLY A 323 16.42 3.25 0.36
N ILE A 324 16.79 4.21 1.21
CA ILE A 324 17.48 5.40 0.76
C ILE A 324 18.86 4.97 0.31
N TRP A 325 19.42 4.01 1.00
CA TRP A 325 20.70 3.48 0.62
C TRP A 325 20.68 2.94 -0.86
N TYR A 326 19.67 2.16 -1.19
CA TYR A 326 19.62 1.59 -2.53
C TYR A 326 19.21 2.61 -3.56
N ILE A 327 18.35 3.52 -3.17
CA ILE A 327 17.88 4.52 -4.10
C ILE A 327 18.89 5.65 -4.43
N ASN A 328 19.42 6.33 -3.40
CA ASN A 328 20.27 7.49 -3.61
C ASN A 328 21.77 7.20 -3.73
N PHE A 329 22.15 5.96 -3.45
CA PHE A 329 23.52 5.55 -3.54
C PHE A 329 23.66 4.46 -4.60
N PHE A 330 22.91 3.36 -4.52
CA PHE A 330 23.11 2.30 -5.52
C PHE A 330 22.38 2.60 -6.79
N GLY A 331 21.37 3.46 -6.75
CA GLY A 331 20.68 3.86 -7.96
C GLY A 331 19.46 3.10 -8.42
N CYS A 332 18.98 2.17 -7.62
CA CYS A 332 17.89 1.30 -7.97
C CYS A 332 16.52 1.99 -8.21
N GLU A 333 15.93 1.78 -9.37
CA GLU A 333 14.66 2.42 -9.63
C GLU A 333 13.48 1.85 -8.85
N THR A 334 13.57 0.57 -8.47
CA THR A 334 12.42 -0.08 -7.88
C THR A 334 12.63 -0.75 -6.54
N HIS A 335 11.57 -1.39 -6.08
CA HIS A 335 11.55 -2.07 -4.81
C HIS A 335 10.36 -3.07 -4.90
N ALA A 336 10.64 -4.35 -4.76
CA ALA A 336 9.61 -5.36 -4.88
C ALA A 336 9.08 -5.71 -3.52
N MET A 337 7.80 -6.00 -3.43
CA MET A 337 7.19 -6.44 -2.22
C MET A 337 6.64 -7.81 -2.54
N LEU A 338 7.18 -8.82 -1.89
CA LEU A 338 6.82 -10.20 -2.23
C LEU A 338 6.26 -10.98 -1.02
N PRO A 339 5.00 -10.77 -0.71
CA PRO A 339 4.36 -11.54 0.37
C PRO A 339 4.13 -13.02 -0.04
N TYR A 340 4.65 -13.95 0.73
CA TYR A 340 4.39 -15.34 0.43
C TYR A 340 3.07 -15.73 1.08
N ASP A 341 1.99 -15.12 0.61
CA ASP A 341 0.70 -15.34 1.22
C ASP A 341 -0.37 -15.00 0.17
N GLN A 342 -1.24 -15.94 -0.13
CA GLN A 342 -2.23 -15.75 -1.17
C GLN A 342 -3.28 -14.71 -0.80
N TYR A 343 -3.66 -14.66 0.46
CA TYR A 343 -4.62 -13.65 0.91
C TYR A 343 -4.04 -12.26 0.77
N LEU A 344 -2.71 -12.15 0.83
CA LEU A 344 -2.08 -10.86 0.66
C LEU A 344 -1.81 -10.47 -0.80
N HIS A 345 -2.46 -11.12 -1.78
CA HIS A 345 -2.22 -10.82 -3.20
C HIS A 345 -2.46 -9.40 -3.68
N ARG A 346 -3.16 -8.57 -2.93
CA ARG A 346 -3.35 -7.15 -3.35
C ARG A 346 -2.47 -6.19 -2.54
N PHE A 347 -1.65 -6.74 -1.65
CA PHE A 347 -0.77 -5.94 -0.80
C PHE A 347 0.16 -5.00 -1.54
N ALA A 348 0.94 -5.59 -2.46
CA ALA A 348 1.89 -4.81 -3.24
C ALA A 348 1.20 -3.69 -3.93
N ALA A 349 0.12 -4.01 -4.61
CA ALA A 349 -0.68 -3.01 -5.36
C ALA A 349 -1.14 -1.87 -4.44
N TYR A 350 -1.45 -2.23 -3.21
CA TYR A 350 -1.89 -1.22 -2.28
C TYR A 350 -0.74 -0.26 -1.99
N PHE A 351 0.48 -0.76 -1.92
CA PHE A 351 1.57 0.13 -1.62
C PHE A 351 2.07 0.88 -2.83
N GLN A 352 1.60 0.50 -4.02
CA GLN A 352 1.96 1.32 -5.19
C GLN A 352 1.33 2.67 -5.02
N GLN A 353 0.11 2.71 -4.51
CA GLN A 353 -0.51 4.02 -4.28
C GLN A 353 0.13 4.58 -3.04
N GLY A 354 0.27 3.76 -2.03
CA GLY A 354 0.85 4.23 -0.78
C GLY A 354 2.23 4.84 -0.84
N ASP A 355 3.13 4.22 -1.59
CA ASP A 355 4.48 4.74 -1.67
C ASP A 355 4.55 5.76 -2.80
N MET A 356 4.18 5.35 -4.01
CA MET A 356 4.39 6.17 -5.23
C MET A 356 3.57 7.46 -5.30
N GLU A 357 2.32 7.43 -4.85
CA GLU A 357 1.57 8.65 -4.86
C GLU A 357 2.09 9.60 -3.78
N SER A 358 2.67 9.04 -2.72
CA SER A 358 3.18 9.87 -1.65
C SER A 358 4.50 10.47 -2.01
N ASN A 359 5.42 9.61 -2.48
CA ASN A 359 6.79 10.03 -2.72
C ASN A 359 7.32 10.23 -4.14
N GLY A 360 6.43 10.18 -5.13
CA GLY A 360 6.83 10.47 -6.49
C GLY A 360 6.72 11.98 -6.66
N LYS A 361 7.64 12.70 -6.03
CA LYS A 361 7.63 14.15 -5.99
C LYS A 361 8.99 14.66 -6.41
N TYR A 362 9.05 15.92 -6.81
CA TYR A 362 10.35 16.45 -7.20
C TYR A 362 10.62 17.85 -6.70
N ILE A 363 9.66 18.43 -5.98
CA ILE A 363 9.82 19.76 -5.39
C ILE A 363 10.05 19.67 -3.88
N THR A 364 10.99 20.46 -3.39
CA THR A 364 11.38 20.55 -1.96
C THR A 364 10.50 21.48 -1.13
N LYS A 365 10.64 21.47 0.20
CA LYS A 365 9.92 22.39 1.11
C LYS A 365 10.29 23.84 0.74
N SER A 366 11.49 24.03 0.24
CA SER A 366 11.97 25.34 -0.22
C SER A 366 11.48 25.71 -1.62
N GLY A 367 10.73 24.84 -2.29
CA GLY A 367 10.31 25.16 -3.64
C GLY A 367 11.44 24.95 -4.64
N THR A 368 12.50 24.28 -4.23
CA THR A 368 13.61 23.98 -5.08
C THR A 368 13.37 22.58 -5.68
N ARG A 369 13.89 22.32 -6.89
CA ARG A 369 13.84 20.99 -7.52
C ARG A 369 14.84 20.01 -6.93
N VAL A 370 14.45 18.76 -6.80
CA VAL A 370 15.41 17.82 -6.26
C VAL A 370 16.50 17.53 -7.30
N ASP A 371 17.71 17.32 -6.82
CA ASP A 371 18.83 16.99 -7.67
C ASP A 371 19.32 15.60 -7.23
N HIS A 372 18.37 14.76 -6.88
CA HIS A 372 18.64 13.38 -6.47
C HIS A 372 17.34 12.62 -6.76
N GLN A 373 17.37 11.29 -6.69
CA GLN A 373 16.17 10.43 -6.82
C GLN A 373 15.19 10.51 -5.62
N THR A 374 13.91 10.28 -5.89
CA THR A 374 12.93 10.13 -4.81
C THR A 374 12.30 8.71 -4.84
N GLY A 375 10.99 8.59 -4.62
CA GLY A 375 10.32 7.31 -4.49
C GLY A 375 10.58 6.29 -5.57
N PRO A 376 10.72 5.03 -5.21
CA PRO A 376 10.90 3.96 -6.19
C PRO A 376 9.58 3.52 -6.81
N ILE A 377 9.70 2.68 -7.83
CA ILE A 377 8.57 2.04 -8.45
C ILE A 377 8.43 0.77 -7.65
N VAL A 378 7.24 0.61 -7.08
CA VAL A 378 6.95 -0.51 -6.21
C VAL A 378 6.11 -1.47 -7.01
N TRP A 379 6.41 -2.75 -6.93
CA TRP A 379 5.67 -3.77 -7.67
C TRP A 379 5.84 -5.10 -6.98
N GLY A 380 5.16 -6.13 -7.53
CA GLY A 380 5.25 -7.46 -6.97
C GLY A 380 4.00 -8.32 -7.07
N GLU A 381 4.17 -9.63 -6.92
CA GLU A 381 3.07 -10.56 -6.92
C GLU A 381 3.39 -11.45 -5.73
N PRO A 382 2.42 -12.16 -5.20
CA PRO A 382 2.69 -13.08 -4.08
C PRO A 382 3.54 -14.26 -4.46
N GLY A 383 4.38 -14.76 -3.55
CA GLY A 383 5.10 -15.99 -3.80
C GLY A 383 4.14 -17.15 -3.45
N THR A 384 4.35 -18.36 -4.00
CA THR A 384 5.48 -18.63 -4.88
C THR A 384 5.22 -18.29 -6.33
N ASN A 385 4.05 -17.76 -6.62
CA ASN A 385 3.77 -17.49 -8.03
C ASN A 385 4.93 -16.73 -8.69
N GLY A 386 5.32 -15.60 -8.07
CA GLY A 386 6.38 -14.75 -8.60
C GLY A 386 7.58 -15.50 -9.07
N GLN A 387 7.88 -16.57 -8.35
CA GLN A 387 9.01 -17.42 -8.65
C GLN A 387 8.93 -18.03 -10.01
N HIS A 388 7.71 -18.31 -10.43
CA HIS A 388 7.44 -19.00 -11.68
C HIS A 388 7.10 -18.01 -12.77
N ALA A 389 7.33 -16.74 -12.49
CA ALA A 389 7.04 -15.70 -13.44
C ALA A 389 8.23 -14.74 -13.65
N PHE A 390 8.62 -13.96 -12.65
CA PHE A 390 9.67 -12.98 -12.91
C PHE A 390 10.96 -13.12 -12.11
N TYR A 391 11.12 -14.17 -11.30
CA TYR A 391 12.35 -14.30 -10.54
C TYR A 391 13.60 -14.50 -11.42
N GLN A 392 13.45 -15.13 -12.57
CA GLN A 392 14.58 -15.27 -13.49
C GLN A 392 15.31 -13.95 -13.60
N LEU A 393 14.59 -12.83 -13.76
CA LEU A 393 15.28 -11.55 -13.90
C LEU A 393 15.92 -11.08 -12.59
N ILE A 394 15.29 -11.32 -11.46
CA ILE A 394 15.88 -10.92 -10.20
C ILE A 394 17.20 -11.61 -9.91
N HIS A 395 17.28 -12.90 -10.26
CA HIS A 395 18.50 -13.72 -10.06
C HIS A 395 19.54 -13.43 -11.13
N GLN A 396 19.14 -13.39 -12.39
CA GLN A 396 20.13 -13.29 -13.46
C GLN A 396 19.92 -12.12 -14.45
N GLY A 397 19.14 -11.10 -14.07
CA GLY A 397 18.96 -9.93 -14.93
C GLY A 397 20.08 -8.89 -14.72
N THR A 398 20.02 -7.80 -15.46
CA THR A 398 21.05 -6.82 -15.31
C THR A 398 20.70 -5.66 -14.37
N LYS A 399 19.68 -5.82 -13.53
CA LYS A 399 19.36 -4.79 -12.55
C LYS A 399 19.31 -5.25 -11.09
N MET A 400 19.72 -4.39 -10.17
CA MET A 400 19.61 -4.70 -8.76
C MET A 400 18.20 -4.31 -8.27
N ILE A 401 17.53 -5.23 -7.60
CA ILE A 401 16.18 -5.04 -7.10
C ILE A 401 16.04 -5.45 -5.65
N PRO A 402 16.08 -4.49 -4.75
CA PRO A 402 15.87 -4.81 -3.33
C PRO A 402 14.49 -5.39 -3.23
N CYS A 403 14.32 -6.41 -2.38
CA CYS A 403 13.02 -7.05 -2.22
C CYS A 403 12.67 -7.22 -0.79
N ASP A 404 11.39 -7.03 -0.47
CA ASP A 404 10.87 -7.36 0.86
C ASP A 404 10.14 -8.71 0.73
N PHE A 405 10.55 -9.71 1.52
CA PHE A 405 9.87 -11.01 1.56
C PHE A 405 9.05 -11.05 2.85
N LEU A 406 7.76 -11.38 2.75
CA LEU A 406 6.90 -11.42 3.92
C LEU A 406 6.16 -12.73 4.03
N ILE A 407 5.94 -13.17 5.27
CA ILE A 407 5.19 -14.40 5.48
C ILE A 407 4.68 -14.62 6.91
N PRO A 408 3.49 -15.19 7.07
CA PRO A 408 3.07 -15.70 8.38
C PRO A 408 3.68 -17.08 8.63
N VAL A 409 4.05 -17.34 9.88
CA VAL A 409 4.53 -18.64 10.34
C VAL A 409 3.35 -19.59 10.51
N GLN A 410 2.21 -19.06 10.93
CA GLN A 410 1.03 -19.88 11.02
C GLN A 410 0.04 -19.53 9.91
N THR A 411 -0.40 -20.53 9.16
CA THR A 411 -1.40 -20.37 8.09
C THR A 411 -2.82 -20.58 8.62
N GLN A 412 -3.79 -19.94 7.99
CA GLN A 412 -5.19 -20.07 8.35
C GLN A 412 -5.82 -21.39 7.83
N HIS A 413 -5.08 -22.17 7.06
CA HIS A 413 -5.59 -23.39 6.44
C HIS A 413 -4.49 -24.44 6.50
N PRO A 414 -4.24 -24.97 7.68
CA PRO A 414 -3.17 -25.94 7.91
C PRO A 414 -3.61 -27.27 7.34
N ILE A 415 -3.82 -27.30 6.05
CA ILE A 415 -4.26 -28.54 5.47
C ILE A 415 -3.14 -29.55 5.30
N ARG A 416 -3.56 -30.82 5.19
CA ARG A 416 -2.65 -31.95 5.02
C ARG A 416 -1.52 -31.88 6.04
N LYS A 417 -1.85 -31.80 7.32
CA LYS A 417 -0.84 -31.70 8.38
C LYS A 417 0.16 -30.64 8.08
N GLY A 418 -0.30 -29.49 7.59
CA GLY A 418 0.57 -28.37 7.38
C GLY A 418 1.68 -28.59 6.37
N LEU A 419 1.45 -29.46 5.38
CA LEU A 419 2.42 -29.73 4.36
C LEU A 419 2.53 -28.54 3.40
N HIS A 420 1.38 -28.00 3.00
CA HIS A 420 1.41 -26.86 2.10
C HIS A 420 2.20 -25.68 2.60
N HIS A 421 2.06 -25.31 3.87
CA HIS A 421 2.74 -24.13 4.39
C HIS A 421 4.22 -24.44 4.54
N LYS A 422 4.49 -25.70 4.80
CA LYS A 422 5.87 -26.11 4.96
C LYS A 422 6.70 -25.88 3.68
N ILE A 423 6.15 -26.26 2.54
CA ILE A 423 6.79 -26.07 1.26
C ILE A 423 6.87 -24.57 0.99
N LEU A 424 5.81 -23.86 1.36
CA LEU A 424 5.75 -22.40 1.20
C LEU A 424 6.88 -21.69 1.99
N LEU A 425 7.05 -22.07 3.25
CA LEU A 425 8.14 -21.55 4.06
C LEU A 425 9.49 -21.90 3.48
N ALA A 426 9.65 -23.13 3.02
CA ALA A 426 10.95 -23.56 2.57
C ALA A 426 11.37 -22.71 1.36
N ASN A 427 10.44 -22.47 0.43
CA ASN A 427 10.70 -21.58 -0.68
C ASN A 427 10.91 -20.13 -0.22
N PHE A 428 10.29 -19.72 0.87
CA PHE A 428 10.47 -18.34 1.27
C PHE A 428 11.91 -18.13 1.77
N LEU A 429 12.46 -19.13 2.44
CA LEU A 429 13.79 -19.01 2.99
C LEU A 429 14.93 -19.14 1.95
N ALA A 430 14.67 -19.98 0.97
CA ALA A 430 15.67 -20.36 0.00
C ALA A 430 15.81 -19.32 -1.06
N GLN A 431 14.74 -18.65 -1.39
CA GLN A 431 14.88 -17.61 -2.39
C GLN A 431 15.87 -16.52 -1.98
N THR A 432 15.81 -16.14 -0.70
CA THR A 432 16.68 -15.11 -0.19
C THR A 432 18.07 -15.66 0.04
N GLU A 433 18.17 -16.95 0.40
CA GLU A 433 19.49 -17.54 0.59
C GLU A 433 20.16 -17.57 -0.79
N ALA A 434 19.38 -17.92 -1.81
CA ALA A 434 19.87 -18.01 -3.16
C ALA A 434 20.18 -16.66 -3.76
N LEU A 435 19.39 -15.63 -3.51
CA LEU A 435 19.70 -14.30 -4.03
C LEU A 435 21.01 -13.79 -3.44
N MET A 436 21.31 -14.28 -2.25
CA MET A 436 22.50 -13.93 -1.49
C MET A 436 23.80 -14.60 -1.96
N LYS A 437 23.81 -15.94 -1.88
CA LYS A 437 24.98 -16.77 -2.13
C LYS A 437 25.37 -16.97 -3.59
N GLY A 438 24.39 -17.16 -4.45
CA GLY A 438 24.68 -17.36 -5.84
C GLY A 438 25.33 -18.69 -6.11
N LYS A 439 26.11 -18.72 -7.17
CA LYS A 439 26.81 -19.92 -7.52
C LYS A 439 27.85 -19.60 -8.57
N SER A 440 29.11 -19.77 -8.19
CA SER A 440 30.25 -19.53 -9.09
C SER A 440 30.35 -20.57 -10.20
N THR A 441 31.15 -20.23 -11.21
CA THR A 441 31.52 -21.10 -12.30
C THR A 441 31.91 -22.47 -11.78
N GLU A 442 32.84 -22.49 -10.80
CA GLU A 442 33.31 -23.74 -10.22
C GLU A 442 32.21 -24.66 -9.67
N GLU A 443 31.31 -24.12 -8.88
CA GLU A 443 30.18 -24.90 -8.34
C GLU A 443 29.32 -25.49 -9.44
N ALA A 444 28.96 -24.66 -10.43
CA ALA A 444 28.15 -25.14 -11.55
C ALA A 444 28.92 -26.19 -12.35
N ARG A 445 30.21 -25.92 -12.53
CA ARG A 445 31.07 -26.83 -13.26
C ARG A 445 31.09 -28.19 -12.55
N LYS A 446 31.31 -28.15 -11.25
CA LYS A 446 31.34 -29.37 -10.50
C LYS A 446 30.02 -30.13 -10.57
N GLU A 447 28.93 -29.38 -10.67
CA GLU A 447 27.63 -30.02 -10.80
C GLU A 447 27.46 -30.67 -12.14
N LEU A 448 27.81 -29.96 -13.18
CA LEU A 448 27.70 -30.53 -14.51
C LEU A 448 28.57 -31.79 -14.60
N GLN A 449 29.78 -31.70 -14.09
CA GLN A 449 30.70 -32.84 -14.05
C GLN A 449 29.99 -34.02 -13.41
N ALA A 450 29.47 -33.78 -12.21
CA ALA A 450 28.74 -34.81 -11.50
C ALA A 450 27.53 -35.36 -12.31
N ALA A 451 26.82 -34.50 -13.03
CA ALA A 451 25.63 -34.97 -13.73
C ALA A 451 26.14 -35.84 -14.88
N GLY A 452 27.43 -36.15 -14.79
CA GLY A 452 28.07 -37.00 -15.77
C GLY A 452 28.27 -36.39 -17.14
N LYS A 453 28.17 -35.07 -17.30
CA LYS A 453 28.41 -34.52 -18.64
C LYS A 453 29.93 -34.40 -18.90
N SER A 454 30.33 -33.93 -20.08
CA SER A 454 31.75 -33.82 -20.37
C SER A 454 32.09 -32.45 -20.86
N PRO A 455 33.22 -31.96 -20.37
CA PRO A 455 33.62 -30.57 -20.53
C PRO A 455 33.43 -30.03 -21.93
N GLU A 456 33.51 -30.86 -22.96
CA GLU A 456 33.30 -30.34 -24.30
C GLU A 456 31.83 -30.12 -24.49
N ASP A 457 30.99 -30.98 -23.89
CA ASP A 457 29.57 -30.74 -23.99
C ASP A 457 29.24 -29.47 -23.27
N PHE A 458 29.58 -29.44 -21.98
CA PHE A 458 29.10 -28.38 -21.15
C PHE A 458 29.81 -27.08 -21.17
N GLU A 459 30.86 -27.00 -21.95
CA GLU A 459 31.65 -25.78 -22.04
C GLU A 459 30.83 -24.54 -22.41
N LYS A 460 29.82 -24.74 -23.24
CA LYS A 460 29.04 -23.64 -23.76
C LYS A 460 27.84 -23.36 -22.85
N LEU A 461 27.42 -24.38 -22.11
CA LEU A 461 26.28 -24.27 -21.23
C LEU A 461 26.66 -23.64 -19.89
N LEU A 462 27.82 -23.99 -19.35
CA LEU A 462 28.27 -23.52 -18.04
C LEU A 462 28.01 -22.07 -17.58
N PRO A 463 28.37 -21.05 -18.36
CA PRO A 463 28.15 -19.67 -17.92
C PRO A 463 26.68 -19.32 -17.70
N HIS A 464 25.79 -19.90 -18.49
CA HIS A 464 24.37 -19.64 -18.30
C HIS A 464 23.89 -20.18 -16.96
N LYS A 465 24.71 -21.05 -16.38
CA LYS A 465 24.33 -21.71 -15.14
C LYS A 465 24.89 -21.06 -13.87
N VAL A 466 25.61 -19.96 -14.08
CA VAL A 466 26.25 -19.21 -13.01
C VAL A 466 25.30 -18.14 -12.47
N PHE A 467 25.32 -17.98 -11.16
CA PHE A 467 24.54 -17.00 -10.43
C PHE A 467 25.53 -16.14 -9.64
N GLU A 468 25.40 -14.83 -9.75
CA GLU A 468 26.44 -13.93 -9.23
C GLU A 468 26.16 -13.70 -7.82
N GLY A 469 24.87 -13.71 -7.61
CA GLY A 469 24.39 -13.51 -6.30
C GLY A 469 24.58 -12.08 -5.86
N ASN A 470 24.81 -11.96 -4.55
CA ASN A 470 25.03 -10.70 -3.84
C ASN A 470 23.85 -9.77 -3.94
N ARG A 471 22.68 -10.35 -3.97
CA ARG A 471 21.49 -9.55 -4.12
C ARG A 471 20.79 -9.40 -2.79
N PRO A 472 20.47 -8.18 -2.45
CA PRO A 472 19.88 -7.85 -1.15
C PRO A 472 18.38 -8.12 -1.01
N THR A 473 17.96 -8.40 0.23
CA THR A 473 16.57 -8.60 0.54
C THR A 473 16.31 -8.33 2.00
N ASN A 474 15.07 -7.95 2.35
CA ASN A 474 14.62 -7.98 3.75
C ASN A 474 13.72 -9.19 3.94
N SER A 475 13.64 -9.73 5.15
CA SER A 475 12.69 -10.79 5.45
C SER A 475 11.87 -10.37 6.65
N ILE A 476 10.55 -10.31 6.51
CA ILE A 476 9.69 -9.87 7.61
C ILE A 476 8.77 -11.03 7.88
N VAL A 477 8.93 -11.62 9.07
CA VAL A 477 8.24 -12.85 9.42
C VAL A 477 7.48 -12.60 10.69
N PHE A 478 6.16 -12.77 10.64
CA PHE A 478 5.27 -12.48 11.75
C PHE A 478 4.52 -13.74 12.06
N THR A 479 3.98 -13.78 13.27
CA THR A 479 3.39 -14.98 13.81
C THR A 479 2.22 -15.51 12.98
N LYS A 480 1.25 -14.65 12.74
CA LYS A 480 0.07 -15.08 12.03
C LYS A 480 -0.55 -13.84 11.47
N LEU A 481 -1.26 -13.96 10.35
CA LEU A 481 -1.85 -12.79 9.73
C LEU A 481 -3.27 -12.59 10.22
N THR A 482 -3.43 -11.87 11.32
CA THR A 482 -4.73 -11.56 11.89
C THR A 482 -4.97 -10.08 11.63
N PRO A 483 -6.14 -9.60 12.01
CA PRO A 483 -6.43 -8.17 11.87
C PRO A 483 -5.44 -7.34 12.65
N PHE A 484 -5.09 -7.77 13.87
CA PHE A 484 -4.14 -6.99 14.67
C PHE A 484 -2.82 -6.77 13.93
N ILE A 485 -2.17 -7.86 13.55
CA ILE A 485 -0.88 -7.81 12.87
C ILE A 485 -1.00 -7.12 11.52
N LEU A 486 -2.10 -7.35 10.81
CA LEU A 486 -2.18 -6.73 9.50
C LEU A 486 -2.17 -5.23 9.70
N GLY A 487 -2.81 -4.80 10.78
CA GLY A 487 -2.84 -3.39 11.13
C GLY A 487 -1.44 -2.87 11.43
N ALA A 488 -0.66 -3.70 12.13
CA ALA A 488 0.68 -3.26 12.46
C ALA A 488 1.58 -3.21 11.20
N LEU A 489 1.39 -4.18 10.29
CA LEU A 489 2.13 -4.21 9.03
C LEU A 489 1.94 -2.95 8.22
N ILE A 490 0.69 -2.64 7.93
CA ILE A 490 0.37 -1.48 7.13
C ILE A 490 0.87 -0.20 7.75
N ALA A 491 0.69 -0.04 9.06
CA ALA A 491 1.12 1.19 9.70
C ALA A 491 2.65 1.30 9.66
N MET A 492 3.33 0.17 9.62
CA MET A 492 4.78 0.17 9.56
C MET A 492 5.28 0.77 8.23
N TYR A 493 4.61 0.40 7.14
CA TYR A 493 5.01 0.89 5.84
C TYR A 493 4.62 2.34 5.69
N GLU A 494 3.50 2.71 6.28
CA GLU A 494 3.10 4.11 6.30
C GLU A 494 4.17 4.96 6.89
N HIS A 495 4.73 4.56 8.01
CA HIS A 495 5.74 5.41 8.64
C HIS A 495 7.06 5.26 7.86
N LYS A 496 7.23 4.15 7.15
CA LYS A 496 8.43 4.02 6.38
C LYS A 496 8.44 5.14 5.34
N ILE A 497 7.38 5.21 4.55
CA ILE A 497 7.23 6.22 3.51
C ILE A 497 7.37 7.61 4.11
N PHE A 498 6.86 7.78 5.31
CA PHE A 498 6.94 9.07 5.97
C PHE A 498 8.38 9.47 6.23
N VAL A 499 9.12 8.57 6.86
CA VAL A 499 10.52 8.89 7.14
C VAL A 499 11.27 9.27 5.88
N GLN A 500 10.89 8.60 4.79
CA GLN A 500 11.64 8.86 3.56
C GLN A 500 11.43 10.27 3.01
N GLY A 501 10.18 10.75 3.07
CA GLY A 501 9.87 12.04 2.51
C GLY A 501 10.57 13.10 3.33
N VAL A 502 10.69 12.88 4.62
CA VAL A 502 11.39 13.81 5.46
C VAL A 502 12.88 13.89 5.08
N ILE A 503 13.56 12.75 4.99
CA ILE A 503 14.95 12.77 4.55
C ILE A 503 15.10 13.45 3.18
N TRP A 504 14.21 13.16 2.24
CA TRP A 504 14.16 13.82 0.93
C TRP A 504 13.69 15.27 0.97
N ASP A 505 13.01 15.68 2.05
CA ASP A 505 12.47 17.02 2.17
C ASP A 505 11.33 17.30 1.24
N ILE A 506 10.53 16.30 0.95
CA ILE A 506 9.39 16.58 0.10
C ILE A 506 8.06 16.51 0.83
N ASN A 507 6.95 16.61 0.12
CA ASN A 507 5.67 16.51 0.76
C ASN A 507 5.08 15.14 0.36
N SER A 508 4.94 14.26 1.36
CA SER A 508 4.42 12.94 1.15
C SER A 508 2.91 12.98 1.13
N PHE A 509 2.33 14.15 1.36
CA PHE A 509 0.89 14.10 1.60
C PHE A 509 -0.05 14.88 0.66
N ASP A 510 0.50 15.42 -0.41
CA ASP A 510 -0.30 16.07 -1.42
C ASP A 510 -0.15 15.24 -2.65
N GLN A 511 -0.84 15.63 -3.71
CA GLN A 511 -0.69 14.95 -4.97
C GLN A 511 -1.13 15.94 -6.04
N TRP A 512 -0.25 16.88 -6.37
CA TRP A 512 -0.58 17.89 -7.36
C TRP A 512 -0.51 17.30 -8.72
N GLY A 513 0.29 16.23 -8.86
CA GLY A 513 0.53 15.56 -10.13
C GLY A 513 -0.66 14.94 -10.90
N VAL A 514 -1.81 14.79 -10.24
CA VAL A 514 -3.04 14.17 -10.71
C VAL A 514 -3.85 15.16 -11.52
N GLU A 515 -3.60 16.42 -11.27
CA GLU A 515 -4.40 17.51 -11.80
C GLU A 515 -4.41 17.70 -13.34
N LEU A 516 -3.25 17.82 -13.98
CA LEU A 516 -3.18 18.11 -15.41
C LEU A 516 -4.03 17.16 -16.27
N GLY A 517 -3.86 15.87 -16.04
CA GLY A 517 -4.63 14.84 -16.70
C GLY A 517 -6.11 15.06 -16.56
N LYS A 518 -6.58 15.43 -15.37
CA LYS A 518 -7.98 15.69 -15.16
C LYS A 518 -8.40 16.94 -15.91
N GLN A 519 -7.54 17.96 -15.93
CA GLN A 519 -7.87 19.16 -16.68
C GLN A 519 -8.06 18.80 -18.17
N LEU A 520 -7.13 18.02 -18.70
CA LEU A 520 -7.17 17.77 -20.12
C LEU A 520 -8.32 16.83 -20.48
N ALA A 521 -8.69 15.95 -19.56
CA ALA A 521 -9.74 14.99 -19.86
C ALA A 521 -11.06 15.75 -19.97
N LYS A 522 -11.16 16.84 -19.22
CA LYS A 522 -12.35 17.61 -19.22
C LYS A 522 -12.52 18.24 -20.56
N LYS A 523 -11.48 18.69 -21.23
CA LYS A 523 -11.76 19.26 -22.54
C LYS A 523 -11.98 18.24 -23.65
N ILE A 524 -11.45 17.03 -23.49
CA ILE A 524 -11.57 16.05 -24.57
C ILE A 524 -12.95 15.42 -24.61
N GLU A 525 -13.58 15.41 -23.47
CA GLU A 525 -14.88 14.76 -23.34
C GLU A 525 -15.95 15.20 -24.37
N PRO A 526 -16.25 16.49 -24.45
CA PRO A 526 -17.28 16.93 -25.38
C PRO A 526 -16.78 16.79 -26.80
N GLU A 527 -15.49 16.85 -27.01
CA GLU A 527 -15.02 16.72 -28.38
C GLU A 527 -15.31 15.35 -28.99
N LEU A 528 -15.48 14.33 -28.16
CA LEU A 528 -15.66 12.99 -28.68
C LEU A 528 -17.05 12.78 -29.20
N ASP A 529 -17.91 13.77 -29.03
CA ASP A 529 -19.31 13.58 -29.38
C ASP A 529 -19.74 13.39 -30.85
N GLY A 530 -19.40 14.29 -31.76
CA GLY A 530 -19.92 14.08 -33.11
C GLY A 530 -19.09 13.12 -33.94
N SER A 531 -19.41 13.03 -35.22
CA SER A 531 -18.57 12.26 -36.12
C SER A 531 -17.59 13.21 -36.83
N SER A 532 -17.62 14.48 -36.46
CA SER A 532 -16.74 15.51 -37.00
C SER A 532 -15.33 15.43 -36.41
N PRO A 533 -14.30 15.57 -37.25
CA PRO A 533 -12.91 15.42 -36.80
C PRO A 533 -12.41 16.57 -35.96
N VAL A 534 -11.43 16.28 -35.11
CA VAL A 534 -10.88 17.26 -34.24
C VAL A 534 -9.53 17.65 -34.74
N THR A 535 -9.20 18.93 -34.55
CA THR A 535 -7.97 19.55 -34.98
C THR A 535 -7.38 20.45 -33.91
N SER A 536 -8.01 20.52 -32.75
CA SER A 536 -7.55 21.44 -31.71
C SER A 536 -6.38 20.95 -30.83
N HIS A 537 -5.68 19.92 -31.25
CA HIS A 537 -4.61 19.39 -30.42
C HIS A 537 -3.38 19.10 -31.25
N ASP A 538 -2.39 18.50 -30.62
CA ASP A 538 -1.23 17.99 -31.34
C ASP A 538 -1.69 16.90 -32.37
N SER A 539 -0.85 16.61 -33.38
CA SER A 539 -1.26 15.69 -34.44
C SER A 539 -1.57 14.29 -33.93
N SER A 540 -0.98 13.92 -32.78
CA SER A 540 -1.20 12.59 -32.18
C SER A 540 -2.59 12.45 -31.55
N THR A 541 -2.90 13.33 -30.62
CA THR A 541 -4.17 13.30 -29.96
C THR A 541 -5.27 13.47 -30.97
N ASN A 542 -5.05 14.35 -31.94
CA ASN A 542 -6.03 14.47 -33.01
C ASN A 542 -6.18 13.18 -33.80
N GLY A 543 -5.07 12.54 -34.13
CA GLY A 543 -5.09 11.34 -34.97
C GLY A 543 -5.81 10.20 -34.30
N LEU A 544 -5.60 10.11 -32.99
CA LEU A 544 -6.25 9.11 -32.20
C LEU A 544 -7.73 9.38 -32.13
N ILE A 545 -8.10 10.64 -31.90
CA ILE A 545 -9.51 10.93 -31.67
C ILE A 545 -10.23 10.59 -32.93
N ASN A 546 -9.54 10.83 -34.03
CA ASN A 546 -10.15 10.65 -35.32
C ASN A 546 -10.22 9.19 -35.71
N PHE A 547 -9.24 8.40 -35.34
CA PHE A 547 -9.39 6.99 -35.58
C PHE A 547 -10.53 6.45 -34.73
N ILE A 548 -10.74 7.02 -33.55
CA ILE A 548 -11.79 6.55 -32.66
C ILE A 548 -13.16 6.81 -33.30
N LYS A 549 -13.42 8.02 -33.73
CA LYS A 549 -14.71 8.27 -34.37
C LYS A 549 -14.99 7.37 -35.61
N GLN A 550 -13.98 7.13 -36.40
CA GLN A 550 -14.13 6.24 -37.54
C GLN A 550 -14.42 4.80 -37.11
N GLU A 551 -13.74 4.30 -36.07
CA GLU A 551 -13.93 2.92 -35.67
C GLU A 551 -15.20 2.66 -34.90
N ARG A 552 -15.67 3.66 -34.14
CA ARG A 552 -16.83 3.43 -33.28
C ARG A 552 -18.04 3.06 -34.10
N GLU A 553 -18.08 3.58 -35.34
CA GLU A 553 -19.17 3.29 -36.23
C GLU A 553 -18.95 1.91 -36.95
N ALA A 554 -17.69 1.49 -37.05
CA ALA A 554 -17.37 0.28 -37.83
C ALA A 554 -18.10 -1.00 -37.41
S SO4 B . -11.86 10.52 -3.74
O1 SO4 B . -12.93 10.06 -4.68
O2 SO4 B . -10.55 10.51 -4.39
O3 SO4 B . -11.85 9.52 -2.69
O4 SO4 B . -12.07 11.88 -3.18
#